data_7AQG
#
_entry.id   7AQG
#
_cell.length_a   45.511
_cell.length_b   71.482
_cell.length_c   96.210
_cell.angle_alpha   90.000
_cell.angle_beta   101.330
_cell.angle_gamma   90.000
#
_symmetry.space_group_name_H-M   'P 1 21 1'
#
loop_
_entity.id
_entity.type
_entity.pdbx_description
1 polymer 'Plasminogen activator inhibitor 1'
2 polymer 'VHH-2g-42 (Nb42)'
3 polymer 'VHH-2w-64 (Nb64)'
4 non-polymer '5-Chloro-2-[[2-[3-(furan-3-yl)anilino]-2-oxoacetyl]amino]benzoic acid'
5 water water
#
loop_
_entity_poly.entity_id
_entity_poly.type
_entity_poly.pdbx_seq_one_letter_code
_entity_poly.pdbx_strand_id
1 'polypeptide(L)'
;VHHPPSYVAHLASDFGVRVFQQVAQASKDRNVVFSPYGVASVLAMLQLTTGGETQQQIQAAMGFKIDDKGMAPALRHLYK
ELMGPWNKDEISTTDAIFVQRDLKLVQGFMPHFFRLFRSTVKQVDFSEVERARFIINDWVKTHTKGMISNLLGKGAVDQL
TRLVLVNALYFNGQFKTPFPDSSTHRRLFHKSDGSTVSVPMMAQTNKFNYTEFTTPDGHYYDILELPYHGDTLSMFIAAP
YEKEVPLSALTNILSAQLISHWKGNMTRLPRLLVLPKFSLETEVDLRKPLENLGMTDMFRQFQADFTSLSDQEPLHVAQA
LQKVKIEVNESGTVASSSTAVIVSARMAPEEIIMDRPFLFVVRHNPTGTVLFMGQVMEP
;
A
2 'polypeptide(L)'
;QVQLVESGGGLVQPGGRLRLSCAASGFTFRTYAMQWYRQSPGTERELVAAISNIGGVTDYGDSVKGRFTISRDNAKTTVY
LEMNSLKPEDTATYYCSAVRLPQRYWGRGTQVTVSS
;
B
3 'polypeptide(L)'
;QVQLVESGGGLVQAGGSLRLSCAASGFTFDDYSIAWFRQAPGKEREGVSCISSSDGSAYYADSVKGRFTISSDNAKNTVY
LQMNSLKPEDTAVYYCAAVWARVCRNPYDYWGQGTQVTVSS
;
C
#
loop_
_chem_comp.id
_chem_comp.type
_chem_comp.name
_chem_comp.formula
RV2 non-polymer '5-Chloro-2-[[2-[3-(furan-3-yl)anilino]-2-oxoacetyl]amino]benzoic acid' 'C19 H13 Cl N2 O5'
#
# COMPACT_ATOMS: atom_id res chain seq x y z
N PRO A 4 0.26 -23.97 -7.76
CA PRO A 4 -0.41 -23.25 -8.85
C PRO A 4 0.25 -21.90 -9.17
N PRO A 5 0.49 -21.63 -10.44
CA PRO A 5 1.06 -20.32 -10.82
C PRO A 5 0.17 -19.15 -10.47
N SER A 6 -1.14 -19.37 -10.34
CA SER A 6 -2.04 -18.30 -9.94
C SER A 6 -2.01 -18.02 -8.45
N TYR A 7 -1.14 -18.69 -7.70
CA TYR A 7 -1.01 -18.42 -6.27
C TYR A 7 -0.26 -17.11 -6.01
N VAL A 8 0.69 -16.76 -6.88
CA VAL A 8 1.42 -15.51 -6.72
C VAL A 8 0.63 -14.33 -7.26
N ALA A 9 -0.23 -14.56 -8.27
CA ALA A 9 -1.03 -13.47 -8.82
C ALA A 9 -1.95 -12.87 -7.76
N HIS A 10 -2.44 -13.69 -6.84
CA HIS A 10 -3.33 -13.18 -5.79
C HIS A 10 -2.54 -12.48 -4.69
N LEU A 11 -1.37 -13.02 -4.32
CA LEU A 11 -0.54 -12.36 -3.32
C LEU A 11 -0.05 -11.01 -3.82
N ALA A 12 0.41 -10.96 -5.08
CA ALA A 12 0.89 -9.70 -5.65
C ALA A 12 -0.23 -8.67 -5.71
N SER A 13 -1.43 -9.08 -6.10
CA SER A 13 -2.54 -8.15 -6.22
C SER A 13 -3.09 -7.75 -4.85
N ASP A 14 -3.16 -8.69 -3.91
CA ASP A 14 -3.58 -8.34 -2.56
C ASP A 14 -2.61 -7.34 -1.93
N PHE A 15 -1.32 -7.52 -2.16
CA PHE A 15 -0.34 -6.56 -1.65
C PHE A 15 -0.46 -5.21 -2.35
N GLY A 16 -0.61 -5.23 -3.68
CA GLY A 16 -0.68 -3.97 -4.42
C GLY A 16 -1.91 -3.15 -4.09
N VAL A 17 -3.07 -3.81 -3.97
CA VAL A 17 -4.29 -3.08 -3.62
C VAL A 17 -4.16 -2.47 -2.23
N ARG A 18 -3.50 -3.18 -1.31
CA ARG A 18 -3.23 -2.61 0.00
C ARG A 18 -2.37 -1.36 -0.11
N VAL A 19 -1.41 -1.35 -1.04
CA VAL A 19 -0.61 -0.15 -1.26
C VAL A 19 -1.48 0.98 -1.79
N PHE A 20 -2.42 0.64 -2.70
CA PHE A 20 -3.30 1.67 -3.24
C PHE A 20 -4.13 2.33 -2.14
N GLN A 21 -4.60 1.55 -1.17
CA GLN A 21 -5.38 2.11 -0.06
C GLN A 21 -4.61 3.21 0.65
N GLN A 22 -3.31 2.98 0.88
CA GLN A 22 -2.49 4.01 1.53
C GLN A 22 -2.35 5.24 0.64
N VAL A 23 -2.27 5.03 -0.68
CA VAL A 23 -2.19 6.15 -1.60
C VAL A 23 -3.51 6.91 -1.62
N ALA A 24 -4.62 6.19 -1.79
CA ALA A 24 -5.93 6.84 -1.84
C ALA A 24 -6.25 7.56 -0.54
N GLN A 25 -5.82 6.99 0.59
CA GLN A 25 -6.04 7.64 1.88
C GLN A 25 -5.30 8.98 1.95
N ALA A 26 -4.08 9.01 1.44
CA ALA A 26 -3.29 10.24 1.45
C ALA A 26 -3.64 11.16 0.29
N SER A 27 -4.31 10.67 -0.74
CA SER A 27 -4.63 11.44 -1.93
C SER A 27 -6.14 11.62 -2.09
N LYS A 28 -6.83 11.95 -1.01
CA LYS A 28 -8.25 12.21 -1.10
C LYS A 28 -8.51 13.43 -1.94
N ASP A 29 -9.58 13.38 -2.74
CA ASP A 29 -10.01 14.48 -3.61
C ASP A 29 -9.14 14.63 -4.84
N ARG A 30 -7.96 14.02 -4.84
CA ARG A 30 -7.05 14.11 -5.98
C ARG A 30 -7.18 12.88 -6.85
N ASN A 31 -7.04 13.09 -8.16
CA ASN A 31 -7.03 11.97 -9.10
C ASN A 31 -5.83 11.07 -8.83
N VAL A 32 -6.05 9.77 -8.98
CA VAL A 32 -4.99 8.77 -8.83
C VAL A 32 -5.21 7.68 -9.86
N VAL A 33 -4.18 7.40 -10.65
CA VAL A 33 -4.09 6.13 -11.40
C VAL A 33 -2.88 5.38 -10.86
N PHE A 34 -3.08 4.09 -10.57
CA PHE A 34 -2.10 3.30 -9.85
C PHE A 34 -2.09 1.89 -10.43
N SER A 35 -1.00 1.18 -10.18
CA SER A 35 -0.85 -0.20 -10.65
C SER A 35 -0.50 -1.11 -9.48
N PRO A 36 -1.48 -1.84 -8.93
CA PRO A 36 -1.15 -2.78 -7.84
C PRO A 36 -0.17 -3.86 -8.25
N TYR A 37 -0.32 -4.40 -9.47
CA TYR A 37 0.64 -5.40 -9.94
C TYR A 37 2.02 -4.79 -10.16
N GLY A 38 2.07 -3.50 -10.53
CA GLY A 38 3.36 -2.87 -10.76
C GLY A 38 4.19 -2.71 -9.51
N VAL A 39 3.57 -2.26 -8.41
CA VAL A 39 4.33 -2.09 -7.18
C VAL A 39 4.72 -3.44 -6.59
N ALA A 40 3.92 -4.48 -6.81
CA ALA A 40 4.30 -5.81 -6.35
C ALA A 40 5.46 -6.36 -7.16
N SER A 41 5.44 -6.14 -8.48
CA SER A 41 6.48 -6.66 -9.34
C SER A 41 7.85 -6.04 -9.01
N VAL A 42 7.88 -4.74 -8.74
CA VAL A 42 9.15 -4.09 -8.47
C VAL A 42 9.58 -4.29 -7.02
N LEU A 43 8.63 -4.44 -6.09
CA LEU A 43 9.00 -4.76 -4.71
C LEU A 43 9.51 -6.18 -4.59
N ALA A 44 9.04 -7.08 -5.46
CA ALA A 44 9.60 -8.43 -5.49
C ALA A 44 11.06 -8.40 -5.95
N MET A 45 11.39 -7.52 -6.89
CA MET A 45 12.78 -7.35 -7.30
C MET A 45 13.62 -6.80 -6.15
N LEU A 46 13.07 -5.86 -5.38
CA LEU A 46 13.79 -5.29 -4.26
C LEU A 46 14.09 -6.32 -3.17
N GLN A 47 13.31 -7.40 -3.11
CA GLN A 47 13.57 -8.45 -2.13
C GLN A 47 14.95 -9.04 -2.31
N LEU A 48 15.36 -9.26 -3.57
CA LEU A 48 16.66 -9.90 -3.82
C LEU A 48 17.82 -8.98 -3.44
N THR A 49 17.64 -7.67 -3.55
CA THR A 49 18.70 -6.73 -3.21
C THR A 49 18.82 -6.49 -1.70
N THR A 50 17.78 -6.81 -0.92
CA THR A 50 17.80 -6.58 0.51
C THR A 50 18.19 -7.85 1.26
N GLY A 51 18.39 -7.69 2.56
CA GLY A 51 18.72 -8.82 3.43
C GLY A 51 18.24 -8.53 4.83
N GLY A 52 18.40 -9.54 5.69
CA GLY A 52 18.15 -9.37 7.11
C GLY A 52 16.77 -8.81 7.42
N GLU A 53 16.75 -7.79 8.28
CA GLU A 53 15.48 -7.25 8.79
C GLU A 53 14.73 -6.49 7.71
N THR A 54 15.44 -5.76 6.85
CA THR A 54 14.78 -5.04 5.77
C THR A 54 14.03 -6.00 4.86
N GLN A 55 14.69 -7.10 4.48
CA GLN A 55 14.04 -8.09 3.62
C GLN A 55 12.84 -8.74 4.31
N GLN A 56 12.90 -8.94 5.63
CA GLN A 56 11.78 -9.55 6.33
C GLN A 56 10.56 -8.63 6.33
N GLN A 57 10.78 -7.32 6.48
CA GLN A 57 9.66 -6.38 6.43
C GLN A 57 8.94 -6.45 5.09
N ILE A 58 9.70 -6.58 4.00
CA ILE A 58 9.09 -6.70 2.68
C ILE A 58 8.34 -8.01 2.55
N GLN A 59 8.99 -9.13 2.93
CA GLN A 59 8.38 -10.44 2.78
C GLN A 59 7.16 -10.60 3.69
N ALA A 60 7.17 -9.96 4.87
CA ALA A 60 6.00 -10.03 5.73
C ALA A 60 4.81 -9.30 5.12
N ALA A 61 5.06 -8.14 4.50
CA ALA A 61 3.98 -7.38 3.88
C ALA A 61 3.52 -7.98 2.56
N MET A 62 4.43 -8.58 1.79
CA MET A 62 4.05 -9.19 0.53
C MET A 62 3.54 -10.62 0.71
N GLY A 63 3.95 -11.29 1.78
CA GLY A 63 3.45 -12.62 2.07
C GLY A 63 4.14 -13.77 1.37
N PHE A 64 5.26 -13.52 0.68
CA PHE A 64 5.99 -14.58 0.02
C PHE A 64 7.43 -14.16 -0.20
N LYS A 65 8.28 -15.15 -0.45
CA LYS A 65 9.72 -14.95 -0.67
C LYS A 65 10.05 -15.15 -2.13
N ILE A 66 10.74 -14.18 -2.73
CA ILE A 66 11.18 -14.31 -4.12
C ILE A 66 12.21 -15.42 -4.27
N ASP A 67 12.89 -15.80 -3.17
CA ASP A 67 13.90 -16.86 -3.24
C ASP A 67 13.26 -18.23 -3.36
N ASP A 68 12.08 -18.43 -2.77
CA ASP A 68 11.49 -19.77 -2.68
C ASP A 68 11.29 -20.37 -4.07
N LYS A 69 11.20 -21.70 -4.08
CA LYS A 69 11.15 -22.45 -5.32
C LYS A 69 9.89 -22.13 -6.12
N GLY A 70 10.06 -21.87 -7.42
CA GLY A 70 8.96 -21.63 -8.31
C GLY A 70 8.39 -20.23 -8.31
N MET A 71 8.72 -19.41 -7.30
CA MET A 71 8.13 -18.09 -7.18
C MET A 71 8.53 -17.17 -8.34
N ALA A 72 9.84 -17.06 -8.58
CA ALA A 72 10.34 -16.22 -9.66
C ALA A 72 9.94 -16.74 -11.04
N PRO A 73 10.03 -18.06 -11.30
CA PRO A 73 9.52 -18.57 -12.59
C PRO A 73 8.03 -18.31 -12.77
N ALA A 74 7.24 -18.41 -11.69
CA ALA A 74 5.81 -18.12 -11.81
C ALA A 74 5.57 -16.67 -12.16
N LEU A 75 6.34 -15.75 -11.56
CA LEU A 75 6.17 -14.34 -11.88
C LEU A 75 6.57 -14.04 -13.32
N ARG A 76 7.59 -14.74 -13.83
CA ARG A 76 7.93 -14.60 -15.24
C ARG A 76 6.81 -15.13 -16.13
N HIS A 77 6.19 -16.24 -15.72
CA HIS A 77 5.05 -16.77 -16.46
C HIS A 77 3.86 -15.82 -16.39
N LEU A 78 3.65 -15.19 -15.22
CA LEU A 78 2.57 -14.23 -15.08
C LEU A 78 2.81 -12.99 -15.93
N TYR A 79 4.07 -12.57 -16.07
CA TYR A 79 4.36 -11.41 -16.90
C TYR A 79 4.07 -11.69 -18.37
N LYS A 80 4.61 -12.80 -18.90
CA LYS A 80 4.28 -13.21 -20.26
C LYS A 80 2.81 -13.56 -20.42
N GLU A 81 2.08 -13.72 -19.32
CA GLU A 81 0.64 -13.92 -19.38
C GLU A 81 -0.10 -12.62 -19.64
N LEU A 82 0.28 -11.56 -18.91
CA LEU A 82 -0.41 -10.28 -19.05
C LEU A 82 0.11 -9.49 -20.26
N MET A 83 1.41 -9.53 -20.51
CA MET A 83 1.99 -8.91 -21.71
C MET A 83 2.30 -9.96 -22.77
N GLY A 84 1.30 -10.80 -23.03
CA GLY A 84 1.42 -11.87 -23.99
C GLY A 84 0.33 -11.96 -25.05
N PRO A 85 -0.88 -11.41 -24.82
CA PRO A 85 -1.88 -11.50 -25.90
C PRO A 85 -1.78 -10.38 -26.91
N TRP A 86 -0.57 -10.08 -27.39
CA TRP A 86 -0.35 -9.03 -28.38
C TRP A 86 -0.94 -7.71 -27.92
N ASN A 87 -0.59 -7.32 -26.68
CA ASN A 87 -1.01 -6.06 -26.10
C ASN A 87 0.05 -4.97 -26.24
N LYS A 88 0.98 -5.13 -27.19
CA LYS A 88 2.17 -4.28 -27.25
C LYS A 88 1.82 -2.81 -27.40
N ASP A 89 0.86 -2.49 -28.27
CA ASP A 89 0.46 -1.09 -28.46
C ASP A 89 -0.56 -0.62 -27.44
N GLU A 90 -1.13 -1.54 -26.65
CA GLU A 90 -2.14 -1.18 -25.66
C GLU A 90 -1.56 -1.02 -24.25
N ILE A 91 -0.61 -1.87 -23.86
CA ILE A 91 -0.06 -1.84 -22.51
C ILE A 91 1.47 -1.95 -22.61
N SER A 92 2.16 -1.25 -21.71
CA SER A 92 3.60 -1.27 -21.66
C SER A 92 4.06 -0.88 -20.27
N THR A 93 5.11 -1.52 -19.78
CA THR A 93 5.59 -1.29 -18.44
C THR A 93 7.10 -1.43 -18.41
N THR A 94 7.69 -1.07 -17.28
CA THR A 94 9.12 -1.24 -17.08
C THR A 94 9.43 -1.19 -15.59
N ASP A 95 10.34 -2.07 -15.17
CA ASP A 95 10.88 -2.08 -13.81
C ASP A 95 12.36 -1.79 -13.88
N ALA A 96 12.85 -0.99 -12.93
CA ALA A 96 14.28 -0.65 -12.94
C ALA A 96 14.71 -0.19 -11.55
N ILE A 97 15.87 -0.68 -11.13
CA ILE A 97 16.54 -0.22 -9.92
C ILE A 97 17.86 0.42 -10.36
N PHE A 98 18.18 1.58 -9.81
CA PHE A 98 19.38 2.33 -10.17
C PHE A 98 20.21 2.56 -8.92
N VAL A 99 21.49 2.19 -8.98
CA VAL A 99 22.42 2.31 -7.87
C VAL A 99 23.66 3.05 -8.36
N GLN A 100 24.31 3.75 -7.44
CA GLN A 100 25.55 4.47 -7.75
C GLN A 100 26.57 3.54 -8.38
N ARG A 101 27.24 4.04 -9.42
CA ARG A 101 27.93 3.16 -10.35
C ARG A 101 29.31 2.71 -9.87
N ASP A 102 30.03 3.55 -9.13
CA ASP A 102 31.34 3.15 -8.62
C ASP A 102 31.24 2.46 -7.27
N LEU A 103 30.04 2.02 -6.88
CA LEU A 103 29.83 1.34 -5.61
C LEU A 103 30.06 -0.15 -5.83
N LYS A 104 31.03 -0.70 -5.10
CA LYS A 104 31.37 -2.11 -5.25
C LYS A 104 30.18 -2.98 -4.85
N LEU A 105 29.65 -3.73 -5.81
CA LEU A 105 28.54 -4.62 -5.57
C LEU A 105 29.02 -6.02 -5.21
N VAL A 106 28.11 -6.82 -4.65
CA VAL A 106 28.44 -8.19 -4.30
C VAL A 106 28.74 -8.96 -5.59
N GLN A 107 29.96 -9.49 -5.68
CA GLN A 107 30.34 -10.26 -6.86
C GLN A 107 29.43 -11.47 -7.01
N GLY A 108 28.96 -11.69 -8.23
CA GLY A 108 28.07 -12.80 -8.50
C GLY A 108 26.60 -12.55 -8.22
N PHE A 109 26.25 -11.38 -7.67
CA PHE A 109 24.85 -11.10 -7.39
C PHE A 109 24.09 -10.76 -8.67
N MET A 110 24.70 -9.99 -9.57
CA MET A 110 24.03 -9.63 -10.81
C MET A 110 23.64 -10.83 -11.67
N PRO A 111 24.49 -11.83 -11.89
CA PRO A 111 24.01 -13.03 -12.60
C PRO A 111 22.88 -13.75 -11.89
N HIS A 112 22.84 -13.66 -10.55
CA HIS A 112 21.73 -14.24 -9.80
C HIS A 112 20.47 -13.40 -9.95
N PHE A 113 20.61 -12.08 -9.85
CA PHE A 113 19.49 -11.19 -10.11
C PHE A 113 18.96 -11.36 -11.52
N PHE A 114 19.86 -11.51 -12.49
CA PHE A 114 19.43 -11.68 -13.88
C PHE A 114 18.75 -13.02 -14.10
N ARG A 115 19.20 -14.07 -13.42
CA ARG A 115 18.61 -15.39 -13.62
C ARG A 115 17.13 -15.40 -13.26
N LEU A 116 16.73 -14.61 -12.27
CA LEU A 116 15.35 -14.62 -11.78
C LEU A 116 14.45 -13.63 -12.49
N PHE A 117 14.97 -12.47 -12.89
CA PHE A 117 14.16 -11.42 -13.47
C PHE A 117 14.49 -11.13 -14.92
N ARG A 118 15.55 -11.71 -15.47
CA ARG A 118 15.99 -11.46 -16.85
C ARG A 118 16.22 -9.98 -17.12
N SER A 119 16.44 -9.20 -16.06
CA SER A 119 16.94 -7.84 -16.16
C SER A 119 18.06 -7.66 -15.14
N THR A 120 18.74 -6.54 -15.20
CA THR A 120 19.81 -6.23 -14.26
C THR A 120 19.49 -4.98 -13.47
N VAL A 121 20.17 -4.84 -12.34
CA VAL A 121 20.17 -3.57 -11.61
C VAL A 121 21.09 -2.61 -12.36
N LYS A 122 20.56 -1.44 -12.70
CA LYS A 122 21.30 -0.49 -13.52
C LYS A 122 22.16 0.43 -12.65
N GLN A 123 23.28 0.87 -13.23
CA GLN A 123 24.24 1.69 -12.52
C GLN A 123 24.40 3.03 -13.24
N VAL A 124 24.24 4.12 -12.50
CA VAL A 124 24.49 5.46 -13.01
C VAL A 124 25.31 6.22 -11.97
N ASP A 125 25.92 7.31 -12.41
CA ASP A 125 26.72 8.17 -11.55
C ASP A 125 25.85 9.35 -11.12
N PHE A 126 25.30 9.27 -9.90
CA PHE A 126 24.43 10.32 -9.39
C PHE A 126 25.18 11.61 -9.06
N SER A 127 26.52 11.59 -9.04
CA SER A 127 27.26 12.82 -8.80
C SER A 127 27.16 13.79 -9.97
N GLU A 128 26.86 13.29 -11.17
CA GLU A 128 26.48 14.13 -12.31
C GLU A 128 24.96 14.07 -12.37
N VAL A 129 24.32 14.95 -11.60
CA VAL A 129 22.91 14.78 -11.22
C VAL A 129 22.01 14.74 -12.45
N GLU A 130 22.13 15.75 -13.31
CA GLU A 130 21.18 15.86 -14.41
C GLU A 130 21.44 14.80 -15.49
N ARG A 131 22.71 14.42 -15.69
CA ARG A 131 22.99 13.31 -16.60
C ARG A 131 22.39 12.02 -16.09
N ALA A 132 22.54 11.74 -14.79
CA ALA A 132 21.95 10.54 -14.21
C ALA A 132 20.43 10.61 -14.24
N ARG A 133 19.86 11.78 -13.97
CA ARG A 133 18.41 11.95 -14.09
C ARG A 133 17.96 11.76 -15.53
N PHE A 134 18.76 12.22 -16.49
CA PHE A 134 18.41 12.04 -17.89
C PHE A 134 18.46 10.57 -18.31
N ILE A 135 19.51 9.86 -17.90
CA ILE A 135 19.66 8.46 -18.27
C ILE A 135 18.48 7.64 -17.76
N ILE A 136 18.03 7.92 -16.53
CA ILE A 136 16.91 7.18 -15.96
C ILE A 136 15.62 7.53 -16.69
N ASN A 137 15.38 8.82 -16.93
CA ASN A 137 14.17 9.22 -17.64
C ASN A 137 14.13 8.67 -19.06
N ASP A 138 15.29 8.64 -19.73
CA ASP A 138 15.35 8.05 -21.07
C ASP A 138 15.10 6.55 -21.04
N TRP A 139 15.64 5.86 -20.03
CA TRP A 139 15.41 4.42 -19.92
C TRP A 139 13.93 4.12 -19.71
N VAL A 140 13.26 4.91 -18.86
CA VAL A 140 11.84 4.69 -18.59
C VAL A 140 11.00 5.01 -19.82
N LYS A 141 11.33 6.12 -20.51
CA LYS A 141 10.53 6.54 -21.65
C LYS A 141 10.64 5.55 -22.80
N THR A 142 11.87 5.11 -23.12
CA THR A 142 12.05 4.17 -24.21
C THR A 142 11.47 2.79 -23.89
N HIS A 143 11.20 2.50 -22.61
CA HIS A 143 10.64 1.23 -22.21
C HIS A 143 9.13 1.29 -21.99
N THR A 144 8.53 2.47 -22.07
CA THR A 144 7.08 2.61 -22.04
C THR A 144 6.56 3.11 -23.38
N LYS A 145 7.23 2.72 -24.47
CA LYS A 145 6.88 3.14 -25.83
C LYS A 145 6.81 4.66 -25.95
N GLY A 146 7.58 5.36 -25.13
CA GLY A 146 7.62 6.81 -25.17
C GLY A 146 6.47 7.50 -24.47
N MET A 147 5.72 6.80 -23.62
CA MET A 147 4.53 7.38 -23.02
C MET A 147 4.75 7.98 -21.65
N ILE A 148 5.76 7.55 -20.90
CA ILE A 148 6.02 8.04 -19.56
C ILE A 148 7.28 8.91 -19.60
N SER A 149 7.10 10.22 -19.49
CA SER A 149 8.19 11.18 -19.59
C SER A 149 8.49 11.79 -18.22
N ASN A 150 9.78 12.05 -17.98
CA ASN A 150 10.23 12.79 -16.81
C ASN A 150 9.73 12.16 -15.51
N LEU A 151 9.90 10.85 -15.40
CA LEU A 151 9.55 10.17 -14.16
C LEU A 151 10.36 10.72 -12.99
N LEU A 152 11.65 10.93 -13.19
CA LEU A 152 12.49 11.54 -12.17
C LEU A 152 12.52 13.04 -12.43
N GLY A 153 11.72 13.79 -11.67
CA GLY A 153 11.66 15.23 -11.83
C GLY A 153 12.90 15.92 -11.29
N LYS A 154 13.05 17.18 -11.69
CA LYS A 154 14.18 17.99 -11.24
C LYS A 154 14.15 18.12 -9.72
N GLY A 155 15.27 17.80 -9.08
CA GLY A 155 15.36 17.84 -7.64
C GLY A 155 15.00 16.54 -6.93
N ALA A 156 14.40 15.58 -7.64
CA ALA A 156 14.09 14.30 -7.02
C ALA A 156 15.35 13.54 -6.62
N VAL A 157 16.48 13.81 -7.27
CA VAL A 157 17.76 13.20 -6.93
C VAL A 157 18.81 14.30 -6.89
N ASP A 158 19.82 14.12 -6.04
CA ASP A 158 20.96 15.02 -6.01
C ASP A 158 22.25 14.21 -6.02
N GLN A 159 23.38 14.85 -5.71
CA GLN A 159 24.66 14.17 -5.81
C GLN A 159 24.88 13.16 -4.69
N LEU A 160 24.05 13.17 -3.65
CA LEU A 160 24.14 12.21 -2.56
C LEU A 160 23.25 10.99 -2.77
N THR A 161 22.39 11.00 -3.79
CA THR A 161 21.56 9.85 -4.10
C THR A 161 22.43 8.64 -4.41
N ARG A 162 22.05 7.48 -3.87
CA ARG A 162 22.79 6.25 -4.11
C ARG A 162 21.93 5.11 -4.65
N LEU A 163 20.62 5.13 -4.42
CA LEU A 163 19.77 4.03 -4.83
C LEU A 163 18.37 4.57 -5.09
N VAL A 164 17.79 4.20 -6.24
CA VAL A 164 16.49 4.67 -6.66
C VAL A 164 15.73 3.51 -7.31
N LEU A 165 14.43 3.45 -7.04
CA LEU A 165 13.55 2.44 -7.61
C LEU A 165 12.47 3.12 -8.43
N VAL A 166 12.29 2.69 -9.68
CA VAL A 166 11.31 3.30 -10.57
C VAL A 166 10.41 2.22 -11.15
N ASN A 167 9.16 2.61 -11.42
CA ASN A 167 8.15 1.72 -11.99
C ASN A 167 7.20 2.57 -12.82
N ALA A 168 6.99 2.19 -14.08
CA ALA A 168 6.22 3.01 -15.01
C ALA A 168 5.34 2.12 -15.88
N LEU A 169 4.08 2.53 -16.04
CA LEU A 169 3.13 1.75 -16.83
C LEU A 169 2.26 2.68 -17.66
N TYR A 170 1.95 2.26 -18.87
CA TYR A 170 1.01 2.95 -19.76
C TYR A 170 -0.07 1.98 -20.20
N PHE A 171 -1.31 2.44 -20.21
CA PHE A 171 -2.43 1.60 -20.60
C PHE A 171 -3.40 2.38 -21.47
N ASN A 172 -3.76 1.80 -22.61
CA ASN A 172 -4.74 2.34 -23.53
C ASN A 172 -5.41 1.15 -24.23
N GLY A 173 -6.20 0.41 -23.46
CA GLY A 173 -6.88 -0.76 -23.99
C GLY A 173 -8.22 -0.39 -24.60
N GLN A 174 -8.54 -1.04 -25.72
CA GLN A 174 -9.78 -0.80 -26.43
C GLN A 174 -10.85 -1.75 -25.93
N PHE A 175 -12.02 -1.21 -25.62
CA PHE A 175 -13.12 -2.02 -25.11
C PHE A 175 -13.58 -3.01 -26.16
N LYS A 176 -14.16 -4.12 -25.70
CA LYS A 176 -14.65 -5.14 -26.61
C LYS A 176 -15.75 -4.60 -27.51
N THR A 177 -16.63 -3.77 -26.96
CA THR A 177 -17.66 -3.10 -27.74
C THR A 177 -17.48 -1.60 -27.60
N PRO A 178 -17.18 -0.88 -28.68
CA PRO A 178 -16.86 0.55 -28.56
C PRO A 178 -18.06 1.39 -28.18
N PHE A 179 -17.77 2.51 -27.52
CA PHE A 179 -18.78 3.54 -27.30
C PHE A 179 -19.01 4.31 -28.61
N PRO A 180 -20.25 4.52 -29.03
CA PRO A 180 -20.49 5.32 -30.24
C PRO A 180 -19.98 6.74 -30.09
N ASP A 181 -19.14 7.16 -31.04
CA ASP A 181 -18.67 8.55 -31.04
C ASP A 181 -19.83 9.53 -31.13
N SER A 182 -20.91 9.15 -31.81
CA SER A 182 -22.06 10.03 -31.93
C SER A 182 -22.72 10.29 -30.58
N SER A 183 -22.67 9.32 -29.67
CA SER A 183 -23.32 9.46 -28.38
C SER A 183 -22.50 10.23 -27.35
N THR A 184 -21.24 10.54 -27.66
CA THR A 184 -20.42 11.32 -26.75
C THR A 184 -20.97 12.74 -26.64
N HIS A 185 -21.31 13.15 -25.42
CA HIS A 185 -21.96 14.43 -25.18
C HIS A 185 -21.33 15.11 -23.97
N ARG A 186 -21.69 16.37 -23.77
CA ARG A 186 -21.22 17.14 -22.62
C ARG A 186 -22.23 17.03 -21.48
N ARG A 187 -21.72 16.76 -20.28
CA ARG A 187 -22.58 16.59 -19.12
C ARG A 187 -21.86 17.07 -17.87
N LEU A 188 -22.64 17.47 -16.88
CA LEU A 188 -22.11 18.00 -15.64
C LEU A 188 -21.56 16.87 -14.78
N PHE A 189 -20.41 17.10 -14.15
CA PHE A 189 -19.78 16.17 -13.23
C PHE A 189 -19.74 16.80 -11.85
N HIS A 190 -20.20 16.06 -10.84
CA HIS A 190 -20.29 16.55 -9.48
C HIS A 190 -19.05 16.14 -8.70
N LYS A 191 -18.37 17.11 -8.10
CA LYS A 191 -17.08 16.89 -7.46
C LYS A 191 -17.23 16.76 -5.96
N SER A 192 -16.11 16.40 -5.31
CA SER A 192 -16.12 16.13 -3.88
C SER A 192 -16.61 17.33 -3.08
N ASP A 193 -16.25 18.54 -3.50
CA ASP A 193 -16.59 19.75 -2.74
C ASP A 193 -18.01 20.26 -3.03
N GLY A 194 -18.81 19.51 -3.78
CA GLY A 194 -20.14 19.95 -4.15
C GLY A 194 -20.19 20.85 -5.36
N SER A 195 -19.04 21.26 -5.89
CA SER A 195 -19.01 22.10 -7.08
C SER A 195 -19.34 21.26 -8.32
N THR A 196 -19.25 21.88 -9.48
CA THR A 196 -19.68 21.23 -10.72
C THR A 196 -18.76 21.66 -11.86
N VAL A 197 -18.61 20.77 -12.83
CA VAL A 197 -17.81 21.03 -14.02
C VAL A 197 -18.38 20.20 -15.17
N SER A 198 -18.41 20.81 -16.35
CA SER A 198 -18.91 20.13 -17.55
C SER A 198 -17.76 19.44 -18.27
N VAL A 199 -17.93 18.14 -18.52
CA VAL A 199 -16.88 17.33 -19.14
C VAL A 199 -17.51 16.40 -20.17
N PRO A 200 -16.71 15.93 -21.14
CA PRO A 200 -17.23 14.97 -22.11
C PRO A 200 -17.44 13.59 -21.49
N MET A 201 -18.57 12.98 -21.83
CA MET A 201 -18.90 11.64 -21.36
C MET A 201 -19.34 10.78 -22.53
N MET A 202 -18.83 9.55 -22.60
CA MET A 202 -19.28 8.61 -23.61
C MET A 202 -20.65 8.07 -23.23
N ALA A 203 -21.21 7.23 -24.10
CA ALA A 203 -22.52 6.64 -23.86
C ALA A 203 -22.67 5.39 -24.72
N GLN A 204 -23.26 4.35 -24.15
CA GLN A 204 -23.46 3.09 -24.87
C GLN A 204 -24.48 2.26 -24.11
N THR A 205 -25.54 1.85 -24.79
CA THR A 205 -26.53 0.94 -24.23
C THR A 205 -26.18 -0.48 -24.67
N ASN A 206 -26.23 -1.42 -23.73
CA ASN A 206 -25.75 -2.78 -23.95
C ASN A 206 -26.21 -3.63 -22.78
N LYS A 207 -26.02 -4.95 -22.92
CA LYS A 207 -26.21 -5.88 -21.81
C LYS A 207 -24.91 -5.90 -21.02
N PHE A 208 -24.89 -5.16 -19.91
CA PHE A 208 -23.67 -4.98 -19.12
C PHE A 208 -23.64 -5.94 -17.94
N ASN A 209 -22.51 -6.60 -17.76
CA ASN A 209 -22.28 -7.40 -16.56
C ASN A 209 -22.29 -6.48 -15.35
N TYR A 210 -23.25 -6.71 -14.43
CA TYR A 210 -23.50 -5.78 -13.35
C TYR A 210 -23.85 -6.52 -12.07
N THR A 211 -23.52 -5.90 -10.94
CA THR A 211 -24.03 -6.29 -9.63
C THR A 211 -24.09 -5.06 -8.74
N GLU A 212 -24.86 -5.20 -7.67
CA GLU A 212 -24.92 -4.19 -6.62
C GLU A 212 -24.05 -4.62 -5.45
N PHE A 213 -23.70 -3.65 -4.61
CA PHE A 213 -22.84 -3.92 -3.46
C PHE A 213 -23.16 -2.92 -2.36
N THR A 214 -23.46 -3.43 -1.17
CA THR A 214 -23.84 -2.61 -0.02
C THR A 214 -22.80 -2.79 1.08
N THR A 215 -22.19 -1.68 1.51
CA THR A 215 -21.24 -1.72 2.61
C THR A 215 -21.95 -2.08 3.92
N PRO A 216 -21.21 -2.53 4.94
CA PRO A 216 -21.86 -2.95 6.18
C PRO A 216 -22.74 -1.89 6.84
N ASP A 217 -22.62 -0.62 6.45
CA ASP A 217 -23.41 0.43 7.08
C ASP A 217 -24.71 0.73 6.33
N GLY A 218 -24.95 0.09 5.19
CA GLY A 218 -26.22 0.22 4.50
C GLY A 218 -26.18 1.01 3.20
N HIS A 219 -25.08 1.70 2.90
CA HIS A 219 -24.96 2.41 1.64
C HIS A 219 -24.61 1.42 0.53
N TYR A 220 -25.25 1.57 -0.63
CA TYR A 220 -25.04 0.63 -1.72
C TYR A 220 -24.42 1.31 -2.93
N TYR A 221 -23.88 0.47 -3.82
CA TYR A 221 -23.02 0.90 -4.91
C TYR A 221 -23.43 0.19 -6.19
N ASP A 222 -23.19 0.85 -7.33
CA ASP A 222 -23.30 0.24 -8.64
C ASP A 222 -21.91 -0.20 -9.09
N ILE A 223 -21.81 -1.43 -9.60
CA ILE A 223 -20.53 -1.97 -10.04
C ILE A 223 -20.73 -2.62 -11.41
N LEU A 224 -20.03 -2.09 -12.42
CA LEU A 224 -20.12 -2.55 -13.79
C LEU A 224 -18.80 -3.16 -14.23
N GLU A 225 -18.88 -4.02 -15.25
CA GLU A 225 -17.70 -4.61 -15.88
C GLU A 225 -17.72 -4.28 -17.36
N LEU A 226 -16.66 -3.63 -17.83
CA LEU A 226 -16.52 -3.31 -19.25
C LEU A 226 -15.45 -4.19 -19.85
N PRO A 227 -15.81 -5.20 -20.65
CA PRO A 227 -14.79 -6.08 -21.23
C PRO A 227 -13.90 -5.35 -22.22
N TYR A 228 -12.66 -5.80 -22.30
CA TYR A 228 -11.71 -5.32 -23.29
C TYR A 228 -11.57 -6.33 -24.42
N HIS A 229 -11.06 -5.87 -25.55
CA HIS A 229 -10.79 -6.76 -26.67
C HIS A 229 -9.78 -7.83 -26.26
N GLY A 230 -10.04 -9.07 -26.65
CA GLY A 230 -9.25 -10.21 -26.26
C GLY A 230 -9.89 -11.08 -25.20
N ASP A 231 -10.90 -10.56 -24.50
CA ASP A 231 -11.71 -11.28 -23.50
C ASP A 231 -10.86 -11.79 -22.34
N THR A 232 -9.72 -11.17 -22.09
CA THR A 232 -8.91 -11.45 -20.90
C THR A 232 -8.97 -10.34 -19.87
N LEU A 233 -8.95 -9.09 -20.31
CA LEU A 233 -8.98 -7.93 -19.42
C LEU A 233 -10.35 -7.29 -19.41
N SER A 234 -10.67 -6.62 -18.30
CA SER A 234 -11.89 -5.86 -18.17
C SER A 234 -11.66 -4.71 -17.21
N MET A 235 -12.47 -3.67 -17.34
CA MET A 235 -12.44 -2.54 -16.42
C MET A 235 -13.68 -2.57 -15.55
N PHE A 236 -13.49 -2.52 -14.24
CA PHE A 236 -14.58 -2.51 -13.28
C PHE A 236 -14.79 -1.08 -12.79
N ILE A 237 -16.01 -0.58 -12.97
CA ILE A 237 -16.41 0.74 -12.51
C ILE A 237 -17.26 0.57 -11.26
N ALA A 238 -17.05 1.44 -10.27
CA ALA A 238 -17.77 1.34 -9.01
C ALA A 238 -17.92 2.73 -8.42
N ALA A 239 -19.14 3.06 -7.95
CA ALA A 239 -19.41 4.36 -7.38
C ALA A 239 -20.60 4.25 -6.43
N PRO A 240 -20.63 5.04 -5.36
CA PRO A 240 -21.82 5.06 -4.51
C PRO A 240 -23.04 5.57 -5.25
N TYR A 241 -24.20 4.98 -4.94
CA TYR A 241 -25.44 5.43 -5.56
C TYR A 241 -25.80 6.85 -5.12
N GLU A 242 -25.48 7.21 -3.89
CA GLU A 242 -25.76 8.55 -3.35
C GLU A 242 -24.50 9.39 -3.42
N LYS A 243 -24.63 10.59 -3.99
CA LYS A 243 -23.48 11.47 -4.19
C LYS A 243 -22.94 12.03 -2.89
N GLU A 244 -23.69 11.93 -1.78
CA GLU A 244 -23.21 12.41 -0.49
C GLU A 244 -22.24 11.45 0.18
N VAL A 245 -22.12 10.23 -0.32
CA VAL A 245 -21.20 9.23 0.22
C VAL A 245 -19.87 9.40 -0.49
N PRO A 246 -18.79 9.68 0.21
CA PRO A 246 -17.49 9.84 -0.46
C PRO A 246 -16.91 8.51 -0.88
N LEU A 247 -16.07 8.56 -1.93
CA LEU A 247 -15.39 7.36 -2.37
C LEU A 247 -14.42 6.81 -1.33
N SER A 248 -14.10 7.60 -0.30
CA SER A 248 -13.29 7.08 0.81
C SER A 248 -13.93 5.85 1.42
N ALA A 249 -15.26 5.78 1.44
CA ALA A 249 -15.94 4.62 2.01
C ALA A 249 -15.62 3.35 1.23
N LEU A 250 -15.52 3.45 -0.09
CA LEU A 250 -15.25 2.27 -0.90
C LEU A 250 -13.77 1.87 -0.83
N THR A 251 -12.86 2.82 -1.04
CA THR A 251 -11.45 2.47 -1.14
C THR A 251 -10.87 2.00 0.18
N ASN A 252 -11.42 2.44 1.30
CA ASN A 252 -10.86 2.09 2.61
C ASN A 252 -11.21 0.67 3.04
N ILE A 253 -12.14 0.00 2.35
CA ILE A 253 -12.41 -1.41 2.56
C ILE A 253 -12.06 -2.23 1.33
N LEU A 254 -11.32 -1.65 0.39
CA LEU A 254 -11.05 -2.29 -0.89
C LEU A 254 -10.06 -3.43 -0.73
N SER A 255 -10.34 -4.54 -1.43
CA SER A 255 -9.46 -5.70 -1.42
C SER A 255 -9.46 -6.32 -2.81
N ALA A 256 -8.33 -6.96 -3.14
CA ALA A 256 -8.28 -7.71 -4.39
C ALA A 256 -9.23 -8.90 -4.36
N GLN A 257 -9.46 -9.46 -3.16
CA GLN A 257 -10.44 -10.54 -3.02
C GLN A 257 -11.86 -10.02 -3.23
N LEU A 258 -12.15 -8.83 -2.70
CA LEU A 258 -13.49 -8.25 -2.86
C LEU A 258 -13.85 -8.04 -4.32
N ILE A 259 -12.88 -7.70 -5.15
CA ILE A 259 -13.16 -7.45 -6.57
C ILE A 259 -13.59 -8.74 -7.26
N SER A 260 -12.97 -9.87 -6.89
CA SER A 260 -13.37 -11.15 -7.46
C SER A 260 -14.75 -11.57 -6.97
N HIS A 261 -15.14 -11.13 -5.77
CA HIS A 261 -16.51 -11.40 -5.30
C HIS A 261 -17.52 -10.58 -6.09
N TRP A 262 -17.19 -9.33 -6.41
CA TRP A 262 -18.07 -8.51 -7.26
C TRP A 262 -18.32 -9.19 -8.59
N LYS A 263 -17.23 -9.61 -9.26
CA LYS A 263 -17.36 -10.26 -10.56
C LYS A 263 -18.19 -11.54 -10.47
N GLY A 264 -18.07 -12.25 -9.36
CA GLY A 264 -18.80 -13.52 -9.22
C GLY A 264 -20.30 -13.34 -9.18
N ASN A 265 -20.78 -12.33 -8.44
CA ASN A 265 -22.21 -12.07 -8.27
C ASN A 265 -22.77 -11.16 -9.35
N MET A 266 -22.21 -11.18 -10.55
CA MET A 266 -22.62 -10.27 -11.61
C MET A 266 -23.53 -10.98 -12.60
N THR A 267 -24.48 -10.21 -13.14
CA THR A 267 -25.38 -10.69 -14.16
C THR A 267 -25.52 -9.61 -15.24
N ARG A 268 -25.75 -10.06 -16.47
CA ARG A 268 -25.82 -9.16 -17.61
C ARG A 268 -27.21 -8.54 -17.70
N LEU A 269 -27.28 -7.21 -17.61
CA LEU A 269 -28.53 -6.48 -17.66
C LEU A 269 -28.48 -5.41 -18.75
N PRO A 270 -29.58 -5.20 -19.48
CA PRO A 270 -29.60 -4.13 -20.49
C PRO A 270 -29.60 -2.75 -19.85
N ARG A 271 -28.49 -2.03 -19.98
CA ARG A 271 -28.33 -0.72 -19.36
C ARG A 271 -27.78 0.28 -20.36
N LEU A 272 -28.17 1.53 -20.20
CA LEU A 272 -27.53 2.64 -20.88
C LEU A 272 -26.53 3.27 -19.92
N LEU A 273 -25.26 3.20 -20.26
CA LEU A 273 -24.19 3.72 -19.42
C LEU A 273 -23.57 4.94 -20.08
N VAL A 274 -23.52 6.05 -19.35
CA VAL A 274 -22.70 7.20 -19.73
C VAL A 274 -21.54 7.28 -18.74
N LEU A 275 -20.33 7.41 -19.28
CA LEU A 275 -19.12 7.32 -18.49
C LEU A 275 -18.13 8.35 -19.04
N PRO A 276 -17.60 9.22 -18.19
CA PRO A 276 -16.69 10.28 -18.68
C PRO A 276 -15.44 9.68 -19.30
N LYS A 277 -15.00 10.27 -20.41
CA LYS A 277 -13.67 10.00 -20.91
C LYS A 277 -12.65 10.58 -19.93
N PHE A 278 -11.56 9.85 -19.70
CA PHE A 278 -10.51 10.41 -18.87
C PHE A 278 -9.15 9.92 -19.37
N SER A 279 -8.17 10.82 -19.28
CA SER A 279 -6.77 10.53 -19.58
C SER A 279 -5.99 11.02 -18.36
N LEU A 280 -5.57 10.08 -17.51
CA LEU A 280 -4.98 10.41 -16.21
C LEU A 280 -3.54 9.94 -16.15
N GLU A 281 -2.67 10.77 -15.58
CA GLU A 281 -1.27 10.44 -15.38
C GLU A 281 -0.91 10.82 -13.95
N THR A 282 -0.43 9.83 -13.18
CA THR A 282 -0.15 10.03 -11.78
C THR A 282 1.25 9.53 -11.44
N GLU A 283 1.99 10.34 -10.69
CA GLU A 283 3.23 9.91 -10.06
C GLU A 283 2.98 9.72 -8.58
N VAL A 284 3.20 8.50 -8.10
CA VAL A 284 2.95 8.14 -6.71
C VAL A 284 4.30 7.99 -6.02
N ASP A 285 4.49 8.73 -4.93
CA ASP A 285 5.66 8.55 -4.06
C ASP A 285 5.35 7.38 -3.13
N LEU A 286 5.98 6.24 -3.39
CA LEU A 286 5.68 5.01 -2.66
C LEU A 286 6.23 5.00 -1.25
N ARG A 287 6.88 6.06 -0.78
CA ARG A 287 7.52 6.07 0.52
C ARG A 287 6.52 5.86 1.65
N LYS A 288 5.64 6.83 1.87
CA LYS A 288 4.64 6.70 2.93
C LYS A 288 3.77 5.45 2.78
N PRO A 289 3.25 5.08 1.60
CA PRO A 289 2.45 3.85 1.52
C PRO A 289 3.20 2.60 1.97
N LEU A 290 4.46 2.44 1.55
CA LEU A 290 5.20 1.24 1.91
C LEU A 290 5.64 1.28 3.37
N GLU A 291 5.94 2.47 3.91
CA GLU A 291 6.24 2.59 5.32
C GLU A 291 5.04 2.17 6.18
N ASN A 292 3.84 2.61 5.77
CA ASN A 292 2.64 2.29 6.54
C ASN A 292 2.39 0.79 6.61
N LEU A 293 2.93 0.01 5.65
CA LEU A 293 2.78 -1.43 5.65
C LEU A 293 3.99 -2.15 6.24
N GLY A 294 4.78 -1.46 7.05
CA GLY A 294 5.88 -2.07 7.77
C GLY A 294 7.22 -2.02 7.10
N MET A 295 7.31 -1.49 5.87
CA MET A 295 8.58 -1.45 5.13
C MET A 295 9.24 -0.09 5.38
N THR A 296 9.80 0.05 6.57
CA THR A 296 10.39 1.32 7.00
C THR A 296 11.91 1.36 6.88
N ASP A 297 12.59 0.22 7.07
CA ASP A 297 14.05 0.23 7.11
C ASP A 297 14.64 0.64 5.76
N MET A 298 14.04 0.16 4.66
CA MET A 298 14.65 0.36 3.34
C MET A 298 14.85 1.83 2.98
N PHE A 299 14.07 2.74 3.57
CA PHE A 299 14.21 4.17 3.28
C PHE A 299 15.11 4.91 4.26
N ARG A 300 15.60 4.25 5.30
CA ARG A 300 16.27 4.92 6.40
C ARG A 300 17.77 4.66 6.36
N GLN A 301 18.54 5.74 6.39
CA GLN A 301 20.00 5.67 6.26
C GLN A 301 20.59 4.92 7.46
N PHE A 302 21.55 4.04 7.17
CA PHE A 302 22.26 3.23 8.14
C PHE A 302 21.34 2.26 8.90
N GLN A 303 20.09 2.13 8.44
CA GLN A 303 19.17 1.11 8.91
C GLN A 303 18.80 0.12 7.83
N ALA A 304 18.66 0.58 6.59
CA ALA A 304 18.36 -0.31 5.47
C ALA A 304 19.45 -1.36 5.29
N ASP A 305 19.02 -2.59 5.08
CA ASP A 305 19.92 -3.73 4.87
C ASP A 305 19.85 -4.09 3.40
N PHE A 306 20.85 -3.64 2.63
CA PHE A 306 21.03 -4.02 1.24
C PHE A 306 22.31 -4.83 1.06
N THR A 307 22.65 -5.65 2.05
CA THR A 307 23.91 -6.38 2.02
C THR A 307 23.95 -7.42 0.90
N SER A 308 22.79 -7.86 0.41
CA SER A 308 22.79 -8.75 -0.75
C SER A 308 23.25 -8.02 -2.01
N LEU A 309 22.94 -6.73 -2.11
CA LEU A 309 23.40 -5.93 -3.24
C LEU A 309 24.79 -5.36 -3.02
N SER A 310 25.07 -4.87 -1.82
CA SER A 310 26.40 -4.37 -1.50
C SER A 310 26.71 -4.61 -0.03
N ASP A 311 27.80 -5.33 0.23
CA ASP A 311 28.33 -5.47 1.59
C ASP A 311 29.61 -4.67 1.76
N GLN A 312 29.84 -3.67 0.91
CA GLN A 312 30.99 -2.80 1.00
C GLN A 312 30.65 -1.41 1.55
N GLU A 313 29.51 -0.87 1.18
CA GLU A 313 29.06 0.45 1.63
C GLU A 313 27.60 0.37 2.05
N PRO A 314 27.17 1.24 2.96
CA PRO A 314 25.74 1.26 3.32
C PRO A 314 24.91 1.84 2.19
N LEU A 315 23.64 1.42 2.14
CA LEU A 315 22.73 1.84 1.09
C LEU A 315 21.33 1.98 1.67
N HIS A 316 20.53 2.83 1.05
CA HIS A 316 19.12 3.00 1.38
C HIS A 316 18.42 3.61 0.17
N VAL A 317 17.11 3.43 0.12
CA VAL A 317 16.32 3.86 -1.04
C VAL A 317 16.03 5.35 -0.90
N ALA A 318 16.66 6.16 -1.76
CA ALA A 318 16.39 7.60 -1.76
C ALA A 318 15.02 7.91 -2.34
N GLN A 319 14.62 7.20 -3.40
CA GLN A 319 13.33 7.42 -4.04
C GLN A 319 12.77 6.09 -4.51
N ALA A 320 11.46 5.91 -4.27
CA ALA A 320 10.70 4.81 -4.84
C ALA A 320 9.45 5.41 -5.46
N LEU A 321 9.40 5.45 -6.80
CA LEU A 321 8.36 6.17 -7.51
C LEU A 321 7.67 5.27 -8.53
N GLN A 322 6.35 5.39 -8.62
CA GLN A 322 5.57 4.79 -9.69
C GLN A 322 4.85 5.90 -10.46
N LYS A 323 4.96 5.87 -11.79
CA LYS A 323 4.26 6.80 -12.65
C LYS A 323 3.43 6.00 -13.65
N VAL A 324 2.11 6.25 -13.66
CA VAL A 324 1.17 5.52 -14.49
C VAL A 324 0.41 6.52 -15.35
N LYS A 325 0.06 6.09 -16.57
CA LYS A 325 -0.77 6.87 -17.47
C LYS A 325 -1.82 5.95 -18.07
N ILE A 326 -3.10 6.27 -17.85
CA ILE A 326 -4.22 5.48 -18.34
C ILE A 326 -5.07 6.35 -19.24
N GLU A 327 -5.70 5.72 -20.23
CA GLU A 327 -6.55 6.41 -21.20
C GLU A 327 -7.76 5.56 -21.48
N VAL A 328 -8.96 6.11 -21.25
CA VAL A 328 -10.22 5.46 -21.55
C VAL A 328 -10.94 6.32 -22.57
N ASN A 329 -11.09 5.80 -23.80
CA ASN A 329 -11.80 6.53 -24.85
C ASN A 329 -12.87 5.63 -25.47
N GLU A 330 -13.49 6.12 -26.56
CA GLU A 330 -14.61 5.41 -27.17
C GLU A 330 -14.20 4.05 -27.72
N SER A 331 -12.91 3.84 -28.00
CA SER A 331 -12.39 2.59 -28.55
C SER A 331 -12.99 2.31 -29.93
N GLY A 332 -13.20 3.36 -30.71
CA GLY A 332 -13.88 3.22 -31.98
C GLY A 332 -13.12 2.34 -32.95
N THR A 333 -13.87 1.66 -33.81
CA THR A 333 -13.29 0.79 -34.82
C THR A 333 -13.85 1.15 -36.19
N VAL A 334 -13.58 0.31 -37.20
CA VAL A 334 -14.10 0.55 -38.53
C VAL A 334 -14.94 -0.64 -39.01
N PRO A 349 -34.45 2.55 -21.76
CA PRO A 349 -33.65 1.63 -20.93
C PRO A 349 -33.18 2.28 -19.63
N GLU A 350 -32.81 1.46 -18.65
CA GLU A 350 -32.32 1.99 -17.38
C GLU A 350 -30.92 2.55 -17.54
N GLU A 351 -30.59 3.55 -16.73
CA GLU A 351 -29.38 4.32 -16.89
C GLU A 351 -28.51 4.26 -15.64
N ILE A 352 -27.20 4.32 -15.87
CA ILE A 352 -26.20 4.47 -14.81
C ILE A 352 -25.30 5.63 -15.22
N ILE A 353 -25.35 6.72 -14.47
CA ILE A 353 -24.63 7.94 -14.78
C ILE A 353 -23.44 8.04 -13.84
N MET A 354 -22.23 7.94 -14.40
CA MET A 354 -21.01 8.08 -13.61
C MET A 354 -20.56 9.54 -13.55
N ASP A 355 -21.47 10.38 -13.03
CA ASP A 355 -21.24 11.82 -12.91
C ASP A 355 -20.80 12.23 -11.52
N ARG A 356 -20.09 11.36 -10.83
CA ARG A 356 -19.54 11.64 -9.51
C ARG A 356 -18.24 10.86 -9.36
N PRO A 357 -17.43 11.17 -8.33
CA PRO A 357 -16.18 10.41 -8.14
C PRO A 357 -16.40 8.91 -8.12
N PHE A 358 -15.78 8.20 -9.06
CA PHE A 358 -15.93 6.75 -9.16
C PHE A 358 -14.56 6.09 -9.13
N LEU A 359 -14.58 4.78 -8.94
CA LEU A 359 -13.39 3.95 -8.87
C LEU A 359 -13.34 3.05 -10.08
N PHE A 360 -12.14 2.89 -10.66
CA PHE A 360 -11.95 2.01 -11.80
C PHE A 360 -10.87 0.98 -11.48
N VAL A 361 -11.05 -0.24 -12.01
CA VAL A 361 -10.14 -1.35 -11.78
C VAL A 361 -9.98 -2.09 -13.09
N VAL A 362 -8.74 -2.20 -13.58
CA VAL A 362 -8.42 -3.03 -14.73
C VAL A 362 -7.92 -4.37 -14.21
N ARG A 363 -8.50 -5.47 -14.70
CA ARG A 363 -8.31 -6.77 -14.10
C ARG A 363 -8.09 -7.82 -15.18
N HIS A 364 -7.11 -8.69 -14.96
CA HIS A 364 -6.88 -9.86 -15.80
C HIS A 364 -7.69 -11.01 -15.20
N ASN A 365 -8.84 -11.28 -15.79
CA ASN A 365 -9.79 -12.22 -15.19
C ASN A 365 -9.29 -13.65 -15.09
N PRO A 366 -8.51 -14.20 -16.04
CA PRO A 366 -8.01 -15.56 -15.85
C PRO A 366 -7.14 -15.73 -14.61
N THR A 367 -6.31 -14.75 -14.29
CA THR A 367 -5.39 -14.84 -13.16
C THR A 367 -5.84 -14.07 -11.94
N GLY A 368 -6.84 -13.20 -12.07
CA GLY A 368 -7.24 -12.37 -10.96
C GLY A 368 -6.29 -11.24 -10.65
N THR A 369 -5.38 -10.92 -11.58
CA THR A 369 -4.39 -9.87 -11.37
C THR A 369 -5.04 -8.50 -11.51
N VAL A 370 -4.81 -7.64 -10.52
CA VAL A 370 -5.29 -6.26 -10.56
C VAL A 370 -4.19 -5.43 -11.20
N LEU A 371 -4.31 -5.17 -12.50
CA LEU A 371 -3.28 -4.42 -13.22
C LEU A 371 -3.32 -2.94 -12.86
N PHE A 372 -4.50 -2.32 -12.93
CA PHE A 372 -4.64 -0.90 -12.70
C PHE A 372 -5.81 -0.64 -11.76
N MET A 373 -5.76 0.52 -11.11
CA MET A 373 -6.73 0.87 -10.08
C MET A 373 -6.57 2.35 -9.76
N GLY A 374 -7.69 3.06 -9.67
CA GLY A 374 -7.61 4.47 -9.37
C GLY A 374 -8.97 5.07 -9.12
N GLN A 375 -8.95 6.35 -8.74
CA GLN A 375 -10.15 7.13 -8.48
C GLN A 375 -10.18 8.32 -9.44
N VAL A 376 -11.34 8.55 -10.04
CA VAL A 376 -11.56 9.70 -10.91
C VAL A 376 -12.35 10.71 -10.09
N MET A 377 -11.63 11.63 -9.44
CA MET A 377 -12.28 12.69 -8.68
C MET A 377 -12.69 13.87 -9.55
N GLU A 378 -12.03 14.08 -10.68
CA GLU A 378 -12.35 15.14 -11.62
C GLU A 378 -11.76 14.79 -12.98
N PRO A 379 -12.55 14.25 -13.91
CA PRO A 379 -12.04 13.85 -15.23
C PRO A 379 -11.66 15.03 -16.11
N GLN B 1 -45.18 -9.22 5.21
CA GLN B 1 -44.37 -10.28 4.62
C GLN B 1 -42.90 -10.14 5.02
N VAL B 2 -42.46 -8.90 5.23
CA VAL B 2 -41.09 -8.65 5.66
C VAL B 2 -40.95 -9.07 7.12
N GLN B 3 -40.11 -10.08 7.36
CA GLN B 3 -39.93 -10.63 8.69
C GLN B 3 -38.48 -11.04 8.91
N LEU B 4 -37.93 -10.66 10.05
CA LEU B 4 -36.60 -11.10 10.49
C LEU B 4 -36.77 -11.74 11.86
N VAL B 5 -36.68 -13.06 11.91
CA VAL B 5 -36.93 -13.83 13.13
C VAL B 5 -35.59 -14.39 13.60
N GLU B 6 -35.08 -13.84 14.70
CA GLU B 6 -33.81 -14.29 15.26
C GLU B 6 -34.04 -15.45 16.23
N SER B 7 -33.01 -16.26 16.40
CA SER B 7 -33.06 -17.42 17.28
C SER B 7 -31.67 -17.63 17.87
N GLY B 8 -31.45 -18.79 18.49
CA GLY B 8 -30.14 -19.21 18.93
C GLY B 8 -29.77 -18.79 20.34
N GLY B 9 -30.44 -17.79 20.91
CA GLY B 9 -30.08 -17.30 22.23
C GLY B 9 -30.34 -18.31 23.33
N GLY B 10 -29.82 -17.99 24.51
CA GLY B 10 -29.97 -18.86 25.66
C GLY B 10 -29.08 -18.39 26.79
N LEU B 11 -29.03 -19.22 27.83
CA LEU B 11 -28.21 -18.96 29.01
C LEU B 11 -26.95 -19.80 28.95
N VAL B 12 -25.81 -19.18 29.22
CA VAL B 12 -24.52 -19.86 29.24
C VAL B 12 -23.72 -19.37 30.44
N GLN B 13 -22.69 -20.13 30.81
CA GLN B 13 -21.76 -19.73 31.83
C GLN B 13 -20.64 -18.89 31.22
N PRO B 14 -19.98 -18.04 32.01
CA PRO B 14 -18.89 -17.22 31.46
C PRO B 14 -17.84 -18.06 30.75
N GLY B 15 -17.48 -17.64 29.54
CA GLY B 15 -16.63 -18.41 28.67
C GLY B 15 -17.34 -19.38 27.76
N GLY B 16 -18.68 -19.40 27.78
CA GLY B 16 -19.43 -20.30 26.94
C GLY B 16 -19.60 -19.80 25.53
N ARG B 17 -20.24 -20.62 24.71
CA ARG B 17 -20.46 -20.33 23.30
C ARG B 17 -21.95 -20.13 23.03
N LEU B 18 -22.24 -19.38 21.95
CA LEU B 18 -23.59 -19.17 21.50
C LEU B 18 -23.54 -18.85 20.00
N ARG B 19 -24.49 -19.43 19.25
CA ARG B 19 -24.53 -19.27 17.80
C ARG B 19 -25.88 -18.67 17.42
N LEU B 20 -25.88 -17.37 17.15
CA LEU B 20 -27.11 -16.68 16.81
C LEU B 20 -27.48 -16.93 15.34
N SER B 21 -28.73 -16.63 15.01
CA SER B 21 -29.27 -16.89 13.68
C SER B 21 -30.50 -16.01 13.51
N CYS B 22 -30.78 -15.65 12.25
CA CYS B 22 -31.95 -14.81 11.96
C CYS B 22 -32.42 -15.13 10.54
N ALA B 23 -33.59 -15.77 10.45
CA ALA B 23 -34.18 -16.08 9.16
C ALA B 23 -34.85 -14.84 8.58
N ALA B 24 -34.61 -14.58 7.30
CA ALA B 24 -35.13 -13.40 6.63
C ALA B 24 -36.16 -13.80 5.58
N SER B 25 -37.09 -12.89 5.31
CA SER B 25 -38.14 -13.13 4.32
C SER B 25 -38.80 -11.81 3.98
N GLY B 26 -39.36 -11.75 2.77
CA GLY B 26 -40.20 -10.65 2.37
C GLY B 26 -39.51 -9.51 1.65
N PHE B 27 -38.20 -9.61 1.41
CA PHE B 27 -37.48 -8.57 0.68
C PHE B 27 -36.27 -9.19 -0.01
N THR B 28 -35.54 -8.36 -0.75
CA THR B 28 -34.39 -8.80 -1.54
C THR B 28 -33.18 -8.90 -0.62
N PHE B 29 -32.99 -10.10 -0.06
CA PHE B 29 -31.91 -10.31 0.90
C PHE B 29 -30.55 -10.02 0.29
N ARG B 30 -30.36 -10.36 -0.99
CA ARG B 30 -29.04 -10.27 -1.62
C ARG B 30 -28.52 -8.83 -1.65
N THR B 31 -29.41 -7.84 -1.65
CA THR B 31 -29.00 -6.45 -1.78
C THR B 31 -28.94 -5.71 -0.46
N TYR B 32 -29.25 -6.36 0.65
CA TYR B 32 -29.30 -5.71 1.94
C TYR B 32 -28.07 -6.08 2.77
N ALA B 33 -27.59 -5.11 3.56
CA ALA B 33 -26.57 -5.39 4.54
C ALA B 33 -27.21 -5.86 5.84
N MET B 34 -26.57 -6.79 6.52
CA MET B 34 -27.10 -7.39 7.74
C MET B 34 -26.27 -6.95 8.94
N GLN B 35 -26.94 -6.71 10.06
CA GLN B 35 -26.29 -6.21 11.27
C GLN B 35 -26.82 -6.95 12.49
N TRP B 36 -26.22 -6.66 13.63
CA TRP B 36 -26.62 -7.22 14.93
C TRP B 36 -26.44 -6.13 15.99
N TYR B 37 -27.44 -5.97 16.85
CA TYR B 37 -27.44 -4.96 17.89
C TYR B 37 -27.63 -5.61 19.26
N ARG B 38 -27.74 -4.78 20.29
CA ARG B 38 -28.01 -5.27 21.63
C ARG B 38 -28.56 -4.14 22.50
N GLN B 39 -29.39 -4.50 23.46
CA GLN B 39 -30.00 -3.53 24.37
C GLN B 39 -30.39 -4.25 25.66
N SER B 40 -30.58 -3.47 26.71
CA SER B 40 -31.02 -3.98 28.00
C SER B 40 -31.78 -2.92 28.79
N GLY B 42 -33.15 -0.28 29.61
CA GLY B 42 -33.12 1.16 29.75
C GLY B 42 -31.88 1.81 29.17
N THR B 43 -31.43 1.30 28.03
CA THR B 43 -30.28 1.82 27.31
C THR B 43 -30.62 1.93 25.83
N GLU B 44 -29.66 2.40 25.04
CA GLU B 44 -29.82 2.50 23.60
C GLU B 44 -29.30 1.25 22.91
N ARG B 45 -29.82 0.99 21.70
CA ARG B 45 -29.42 -0.17 20.93
C ARG B 45 -28.05 0.08 20.31
N GLU B 46 -27.07 -0.73 20.72
CA GLU B 46 -25.68 -0.54 20.31
C GLU B 46 -25.31 -1.54 19.23
N LEU B 47 -24.59 -1.04 18.21
CA LEU B 47 -24.15 -1.90 17.12
C LEU B 47 -23.09 -2.88 17.60
N VAL B 48 -23.25 -4.15 17.25
CA VAL B 48 -22.32 -5.21 17.62
C VAL B 48 -21.55 -5.73 16.42
N ALA B 49 -22.26 -6.10 15.35
CA ALA B 49 -21.64 -6.62 14.15
C ALA B 49 -22.41 -6.13 12.93
N ALA B 50 -21.75 -6.19 11.78
CA ALA B 50 -22.34 -5.77 10.52
C ALA B 50 -21.55 -6.38 9.37
N ILE B 51 -22.27 -6.79 8.33
CA ILE B 51 -21.66 -7.45 7.18
C ILE B 51 -22.21 -6.85 5.89
N SER B 52 -21.35 -6.78 4.89
CA SER B 52 -21.78 -6.34 3.56
C SER B 52 -22.63 -7.42 2.91
N ASN B 53 -23.35 -7.03 1.86
CA ASN B 53 -24.26 -7.96 1.20
C ASN B 53 -23.49 -9.11 0.54
N ILE B 54 -22.32 -8.82 -0.04
CA ILE B 54 -21.40 -9.83 -0.53
C ILE B 54 -19.98 -9.38 -0.18
N GLY B 55 -19.00 -10.20 -0.56
CA GLY B 55 -17.61 -9.91 -0.32
C GLY B 55 -17.11 -10.18 1.08
N GLY B 56 -18.00 -10.31 2.06
CA GLY B 56 -17.57 -10.59 3.41
C GLY B 56 -16.93 -9.43 4.13
N VAL B 57 -17.20 -8.19 3.70
CA VAL B 57 -16.73 -7.03 4.45
C VAL B 57 -17.49 -6.95 5.76
N THR B 58 -16.76 -7.08 6.87
CA THR B 58 -17.36 -7.08 8.20
C THR B 58 -16.91 -5.85 9.00
N ASP B 59 -17.67 -5.58 10.06
CA ASP B 59 -17.45 -4.43 10.92
C ASP B 59 -17.99 -4.79 12.30
N TYR B 60 -17.28 -4.37 13.34
CA TYR B 60 -17.62 -4.79 14.69
C TYR B 60 -17.45 -3.64 15.67
N GLY B 61 -18.19 -3.72 16.78
CA GLY B 61 -18.04 -2.75 17.85
C GLY B 61 -16.83 -3.05 18.71
N ASP B 62 -16.48 -2.06 19.55
CA ASP B 62 -15.27 -2.18 20.35
C ASP B 62 -15.40 -3.27 21.41
N SER B 63 -16.60 -3.49 21.96
CA SER B 63 -16.75 -4.46 23.02
C SER B 63 -16.69 -5.90 22.51
N VAL B 64 -16.88 -6.11 21.21
CA VAL B 64 -16.87 -7.47 20.68
C VAL B 64 -15.45 -7.96 20.42
N LYS B 65 -14.54 -7.05 20.05
CA LYS B 65 -13.13 -7.36 19.79
C LYS B 65 -13.08 -8.41 18.68
N GLY B 66 -12.42 -9.54 18.89
CA GLY B 66 -12.41 -10.61 17.90
C GLY B 66 -13.13 -11.85 18.42
N ARG B 67 -14.07 -11.64 19.34
CA ARG B 67 -14.80 -12.74 19.97
C ARG B 67 -16.05 -13.10 19.20
N PHE B 68 -16.72 -12.14 18.57
CA PHE B 68 -17.89 -12.40 17.76
C PHE B 68 -17.51 -12.35 16.28
N THR B 69 -18.09 -13.25 15.49
CA THR B 69 -17.89 -13.28 14.05
C THR B 69 -19.26 -13.35 13.37
N ILE B 70 -19.52 -12.40 12.48
CA ILE B 70 -20.79 -12.32 11.76
C ILE B 70 -20.59 -12.89 10.36
N SER B 71 -21.55 -13.71 9.92
CA SER B 71 -21.51 -14.35 8.61
C SER B 71 -22.92 -14.32 8.02
N ARG B 72 -23.04 -14.77 6.78
CA ARG B 72 -24.35 -14.83 6.13
C ARG B 72 -24.33 -15.87 5.02
N ASP B 73 -25.52 -16.36 4.70
CA ASP B 73 -25.74 -17.34 3.63
C ASP B 73 -26.93 -16.81 2.82
N ASN B 74 -26.62 -16.07 1.74
CA ASN B 74 -27.66 -15.38 0.98
C ASN B 74 -28.59 -16.35 0.27
N ALA B 75 -28.08 -17.54 -0.07
CA ALA B 75 -28.94 -18.57 -0.66
C ALA B 75 -29.97 -19.06 0.34
N LYS B 76 -29.58 -19.20 1.61
CA LYS B 76 -30.50 -19.56 2.68
C LYS B 76 -31.08 -18.34 3.39
N THR B 77 -30.73 -17.13 2.96
CA THR B 77 -31.25 -15.88 3.52
C THR B 77 -31.19 -15.85 5.04
N THR B 78 -29.97 -16.01 5.57
CA THR B 78 -29.72 -16.05 6.99
C THR B 78 -28.48 -15.23 7.31
N VAL B 79 -28.51 -14.53 8.45
CA VAL B 79 -27.32 -13.91 9.02
C VAL B 79 -27.00 -14.62 10.33
N TYR B 80 -25.72 -14.84 10.59
CA TYR B 80 -25.27 -15.59 11.76
C TYR B 80 -24.45 -14.69 12.68
N LEU B 81 -24.29 -15.14 13.92
CA LEU B 81 -23.44 -14.45 14.88
C LEU B 81 -22.83 -15.51 15.80
N GLU B 82 -21.56 -15.85 15.55
CA GLU B 82 -20.85 -16.79 16.40
C GLU B 82 -20.33 -16.06 17.62
N MET B 83 -20.87 -16.38 18.80
CA MET B 83 -20.50 -15.73 20.05
C MET B 83 -19.67 -16.70 20.88
N ASN B 84 -18.41 -16.38 21.07
CA ASN B 84 -17.49 -17.17 21.90
C ASN B 84 -16.92 -16.29 23.00
N SER B 85 -16.44 -16.94 24.06
CA SER B 85 -15.83 -16.28 25.21
C SER B 85 -16.77 -15.24 25.82
N LEU B 86 -17.98 -15.69 26.15
CA LEU B 86 -19.01 -14.78 26.64
C LEU B 86 -18.71 -14.33 28.07
N LYS B 87 -19.13 -13.12 28.38
CA LYS B 87 -18.77 -12.46 29.63
C LYS B 87 -19.99 -11.72 30.17
N PRO B 88 -20.02 -11.45 31.48
CA PRO B 88 -21.20 -10.78 32.07
C PRO B 88 -21.60 -9.48 31.40
N GLU B 89 -20.67 -8.79 30.73
CA GLU B 89 -21.04 -7.57 30.02
C GLU B 89 -21.88 -7.83 28.78
N ASP B 90 -21.86 -9.06 28.27
CA ASP B 90 -22.55 -9.39 27.03
C ASP B 90 -24.02 -9.74 27.23
N THR B 91 -24.49 -9.83 28.48
CA THR B 91 -25.88 -10.16 28.76
C THR B 91 -26.79 -9.05 28.27
N ALA B 92 -27.57 -9.33 27.23
CA ALA B 92 -28.44 -8.33 26.63
C ALA B 92 -29.40 -9.01 25.66
N THR B 93 -30.36 -8.23 25.17
CA THR B 93 -31.24 -8.65 24.09
C THR B 93 -30.60 -8.26 22.76
N TYR B 94 -30.32 -9.25 21.92
CA TYR B 94 -29.58 -9.04 20.68
C TYR B 94 -30.55 -9.03 19.49
N TYR B 95 -30.67 -7.87 18.85
CA TYR B 95 -31.57 -7.68 17.73
C TYR B 95 -30.82 -7.75 16.41
N CYS B 96 -31.44 -8.38 15.41
CA CYS B 96 -30.94 -8.32 14.05
C CYS B 96 -31.58 -7.15 13.30
N SER B 97 -31.04 -6.85 12.13
CA SER B 97 -31.54 -5.75 11.32
C SER B 97 -30.98 -5.85 9.91
N ALA B 98 -31.83 -5.58 8.92
CA ALA B 98 -31.45 -5.52 7.52
C ALA B 98 -31.57 -4.08 7.04
N VAL B 99 -30.54 -3.60 6.32
CA VAL B 99 -30.47 -2.20 5.90
C VAL B 99 -29.96 -2.12 4.47
N ARG B 100 -30.73 -1.48 3.59
CA ARG B 100 -30.28 -0.96 2.30
C ARG B 100 -30.79 0.48 2.28
N LEU B 101 -29.93 1.40 2.71
CA LEU B 101 -30.36 2.75 3.03
C LEU B 101 -31.13 3.36 1.87
N PRO B 102 -32.21 4.11 2.14
CA PRO B 102 -32.69 4.48 3.48
C PRO B 102 -33.70 3.52 4.11
N GLN B 103 -33.74 2.28 3.65
CA GLN B 103 -34.69 1.29 4.16
C GLN B 103 -34.01 0.39 5.18
N ARG B 104 -34.60 0.29 6.37
CA ARG B 104 -34.12 -0.58 7.42
C ARG B 104 -35.27 -1.40 7.99
N TYR B 105 -35.03 -2.69 8.19
CA TYR B 105 -35.99 -3.59 8.82
C TYR B 105 -35.37 -4.18 10.09
N TRP B 106 -36.21 -4.41 11.08
CA TRP B 106 -35.76 -4.88 12.39
C TRP B 106 -36.34 -6.26 12.68
N GLY B 107 -35.66 -6.98 13.57
CA GLY B 107 -36.15 -8.24 14.10
C GLY B 107 -36.82 -8.06 15.46
N ARG B 108 -37.13 -9.19 16.08
CA ARG B 108 -37.79 -9.18 17.38
C ARG B 108 -36.82 -9.29 18.55
N GLY B 109 -35.63 -9.81 18.33
CA GLY B 109 -34.62 -9.91 19.36
C GLY B 109 -34.45 -11.35 19.85
N THR B 110 -33.31 -11.57 20.52
CA THR B 110 -33.06 -12.81 21.23
C THR B 110 -32.30 -12.48 22.50
N GLN B 111 -32.72 -13.08 23.61
CA GLN B 111 -32.14 -12.78 24.90
C GLN B 111 -30.93 -13.69 25.14
N VAL B 112 -29.78 -13.06 25.40
CA VAL B 112 -28.56 -13.76 25.76
C VAL B 112 -28.19 -13.36 27.18
N THR B 113 -28.11 -14.35 28.06
CA THR B 113 -27.78 -14.10 29.47
C THR B 113 -26.65 -15.02 29.88
N VAL B 114 -25.65 -14.46 30.53
CA VAL B 114 -24.54 -15.23 31.08
C VAL B 114 -24.49 -15.00 32.59
N SER B 115 -24.02 -16.01 33.32
CA SER B 115 -23.97 -15.95 34.78
C SER B 115 -23.02 -14.86 35.26
N GLN C 1 29.57 -8.28 30.76
CA GLN C 1 28.46 -7.38 30.45
C GLN C 1 28.93 -6.24 29.56
N VAL C 2 28.37 -6.15 28.36
CA VAL C 2 28.74 -5.10 27.41
C VAL C 2 27.96 -3.83 27.73
N GLN C 3 28.65 -2.70 27.71
CA GLN C 3 28.05 -1.41 28.02
C GLN C 3 28.68 -0.32 27.18
N LEU C 4 27.85 0.52 26.57
CA LEU C 4 28.31 1.69 25.82
C LEU C 4 27.85 2.94 26.53
N VAL C 5 28.78 3.87 26.78
CA VAL C 5 28.52 5.06 27.57
C VAL C 5 28.88 6.28 26.73
N GLU C 6 27.88 7.07 26.34
CA GLU C 6 28.12 8.30 25.63
C GLU C 6 28.33 9.45 26.61
N SER C 7 29.08 10.46 26.17
CA SER C 7 29.28 11.67 26.95
C SER C 7 29.63 12.81 26.01
N GLY C 8 29.69 14.01 26.55
CA GLY C 8 30.06 15.19 25.81
C GLY C 8 28.91 16.11 25.44
N GLY C 9 27.67 15.67 25.61
CA GLY C 9 26.53 16.50 25.29
C GLY C 9 26.39 17.69 26.23
N GLY C 10 25.41 18.52 25.92
CA GLY C 10 25.14 19.70 26.72
C GLY C 10 24.46 20.78 25.89
N LEU C 11 24.48 21.98 26.43
CA LEU C 11 23.89 23.16 25.80
C LEU C 11 24.98 24.01 25.16
N VAL C 12 24.71 24.48 23.94
CA VAL C 12 25.67 25.29 23.20
C VAL C 12 24.91 26.21 22.26
N GLN C 13 25.46 27.39 22.02
CA GLN C 13 24.80 28.36 21.15
C GLN C 13 24.86 27.90 19.70
N ALA C 14 23.90 28.36 18.91
CA ALA C 14 23.86 28.05 17.50
C ALA C 14 25.18 28.41 16.84
N GLY C 15 25.57 27.61 15.84
CA GLY C 15 26.87 27.76 15.22
C GLY C 15 28.03 27.24 16.03
N GLY C 16 27.82 26.85 17.29
CA GLY C 16 28.87 26.33 18.12
C GLY C 16 29.30 24.93 17.71
N SER C 17 30.20 24.37 18.51
CA SER C 17 30.76 23.05 18.25
C SER C 17 30.84 22.22 19.52
N LEU C 18 30.67 20.91 19.36
CA LEU C 18 30.72 19.97 20.48
C LEU C 18 31.26 18.64 19.99
N ARG C 19 31.99 17.95 20.87
CA ARG C 19 32.62 16.66 20.56
C ARG C 19 32.00 15.59 21.45
N LEU C 20 31.27 14.66 20.85
CA LEU C 20 30.69 13.55 21.58
C LEU C 20 31.65 12.37 21.62
N SER C 21 31.66 11.66 22.75
CA SER C 21 32.47 10.46 22.93
C SER C 21 31.60 9.33 23.42
N CYS C 22 31.86 8.12 22.92
CA CYS C 22 31.21 6.92 23.41
C CYS C 22 32.28 5.91 23.81
N ALA C 23 32.34 5.57 25.09
CA ALA C 23 33.29 4.59 25.58
C ALA C 23 32.64 3.22 25.67
N ALA C 24 33.45 2.19 25.46
CA ALA C 24 32.97 0.82 25.48
C ALA C 24 33.57 0.05 26.65
N SER C 25 32.74 -0.77 27.28
CA SER C 25 33.18 -1.67 28.33
C SER C 25 32.63 -3.06 28.05
N GLY C 26 33.44 -4.08 28.28
CA GLY C 26 33.05 -5.45 28.04
C GLY C 26 33.33 -5.96 26.64
N PHE C 27 33.79 -5.11 25.73
CA PHE C 27 34.15 -5.52 24.37
C PHE C 27 34.92 -4.37 23.74
N THR C 28 35.45 -4.63 22.54
CA THR C 28 36.20 -3.65 21.79
C THR C 28 35.50 -3.36 20.46
N PHE C 29 35.62 -2.11 20.00
CA PHE C 29 34.99 -1.66 18.76
C PHE C 29 35.60 -2.27 17.52
N ASP C 30 36.68 -3.04 17.65
CA ASP C 30 37.43 -3.52 16.50
C ASP C 30 36.55 -4.35 15.56
N ASP C 31 36.56 -3.99 14.28
CA ASP C 31 35.85 -4.66 13.20
C ASP C 31 34.33 -4.65 13.39
N TYR C 32 33.82 -3.87 14.33
CA TYR C 32 32.40 -3.56 14.37
C TYR C 32 32.11 -2.38 13.46
N SER C 33 30.93 -2.39 12.87
CA SER C 33 30.43 -1.19 12.20
C SER C 33 29.81 -0.28 13.25
N ILE C 34 30.16 1.00 13.22
CA ILE C 34 29.80 1.94 14.25
C ILE C 34 29.01 3.08 13.63
N ALA C 35 27.91 3.47 14.28
CA ALA C 35 27.05 4.53 13.78
C ALA C 35 26.56 5.39 14.94
N TRP C 36 26.48 6.69 14.69
CA TRP C 36 25.83 7.63 15.60
C TRP C 36 24.41 7.89 15.12
N PHE C 37 23.45 7.77 16.02
CA PHE C 37 22.05 8.07 15.74
C PHE C 37 21.60 9.24 16.61
N ARG C 38 20.45 9.79 16.26
CA ARG C 38 19.87 10.87 17.05
C ARG C 38 18.36 10.80 16.95
N GLN C 39 17.69 11.29 18.00
CA GLN C 39 16.23 11.39 18.04
C GLN C 39 15.87 12.82 18.44
N ALA C 40 15.46 13.61 17.46
CA ALA C 40 15.02 14.97 17.72
C ALA C 40 13.56 14.99 18.12
N PRO C 41 13.11 16.06 18.77
CA PRO C 41 11.68 16.19 19.05
C PRO C 41 10.83 16.08 17.79
N GLY C 42 9.71 15.38 17.90
CA GLY C 42 8.79 15.23 16.79
C GLY C 42 9.31 14.44 15.61
N LYS C 43 10.42 13.72 15.76
CA LYS C 43 11.01 12.97 14.66
C LYS C 43 11.40 11.58 15.13
N GLU C 44 11.60 10.70 14.14
CA GLU C 44 12.09 9.36 14.42
C GLU C 44 13.57 9.40 14.79
N ARG C 45 14.06 8.24 15.25
CA ARG C 45 15.50 8.04 15.34
C ARG C 45 16.07 7.94 13.94
N GLU C 46 17.09 8.76 13.65
CA GLU C 46 17.67 8.83 12.32
C GLU C 46 19.18 8.68 12.40
N GLY C 47 19.74 8.01 11.40
CA GLY C 47 21.19 7.88 11.33
C GLY C 47 21.86 9.21 11.09
N VAL C 48 22.97 9.43 11.79
CA VAL C 48 23.77 10.63 11.65
C VAL C 48 25.08 10.35 10.92
N SER C 49 25.81 9.33 11.35
CA SER C 49 27.12 9.05 10.81
C SER C 49 27.41 7.56 10.97
N CYS C 50 28.37 7.07 10.17
CA CYS C 50 28.64 5.64 10.14
C CYS C 50 30.06 5.38 9.70
N ILE C 51 30.73 4.45 10.38
CA ILE C 51 32.00 3.86 9.95
C ILE C 51 31.73 2.40 9.63
N SER C 52 31.88 2.03 8.37
CA SER C 52 31.65 0.66 7.91
C SER C 52 32.94 -0.13 8.11
N SER C 53 32.84 -1.25 8.84
CA SER C 53 34.03 -2.04 9.12
C SER C 53 34.62 -2.72 7.88
N SER C 54 33.87 -2.74 6.77
CA SER C 54 34.37 -3.36 5.55
C SER C 54 35.70 -2.74 5.12
N ASP C 55 35.81 -1.42 5.18
CA ASP C 55 37.05 -0.75 4.84
C ASP C 55 37.34 0.48 5.71
N GLY C 56 36.53 0.75 6.73
CA GLY C 56 36.77 1.89 7.60
C GLY C 56 36.31 3.22 7.05
N SER C 57 35.57 3.24 5.95
CA SER C 57 35.12 4.51 5.39
C SER C 57 34.02 5.11 6.24
N ALA C 58 33.93 6.44 6.20
CA ALA C 58 32.95 7.19 6.97
C ALA C 58 31.85 7.69 6.04
N TYR C 59 30.61 7.68 6.53
CA TYR C 59 29.46 8.16 5.80
C TYR C 59 28.63 9.04 6.72
N TYR C 60 27.92 10.00 6.13
CA TYR C 60 27.19 11.00 6.89
C TYR C 60 25.81 11.20 6.30
N ALA C 61 24.86 11.57 7.15
CA ALA C 61 23.55 11.97 6.68
C ALA C 61 23.66 13.27 5.89
N ASP C 62 22.70 13.49 4.99
CA ASP C 62 22.75 14.67 4.13
C ASP C 62 22.77 15.96 4.94
N SER C 63 22.04 15.99 6.05
CA SER C 63 21.89 17.21 6.83
C SER C 63 23.13 17.57 7.66
N VAL C 64 24.09 16.66 7.78
CA VAL C 64 25.29 16.91 8.57
C VAL C 64 26.58 16.70 7.78
N LYS C 65 26.48 16.23 6.54
CA LYS C 65 27.68 16.07 5.71
C LYS C 65 28.40 17.41 5.57
N GLY C 66 29.72 17.38 5.75
CA GLY C 66 30.53 18.57 5.71
C GLY C 66 30.65 19.30 7.03
N ARG C 67 29.77 19.02 7.99
CA ARG C 67 29.80 19.64 9.31
C ARG C 67 30.27 18.69 10.40
N PHE C 68 29.84 17.43 10.36
CA PHE C 68 30.20 16.44 11.37
C PHE C 68 31.33 15.55 10.87
N THR C 69 32.07 14.97 11.81
CA THR C 69 33.05 13.93 11.49
C THR C 69 32.92 12.82 12.51
N ILE C 70 33.01 11.58 12.05
CA ILE C 70 33.03 10.41 12.91
C ILE C 70 34.41 9.78 12.84
N SER C 71 34.86 9.23 13.96
CA SER C 71 36.17 8.60 14.03
C SER C 71 36.18 7.63 15.20
N SER C 72 37.17 6.74 15.19
CA SER C 72 37.30 5.72 16.22
C SER C 72 38.76 5.62 16.62
N ASP C 73 39.02 5.65 17.93
CA ASP C 73 40.36 5.52 18.47
C ASP C 73 40.43 4.19 19.21
N ASN C 74 40.96 3.16 18.54
CA ASN C 74 40.99 1.83 19.14
C ASN C 74 42.01 1.71 20.26
N ALA C 75 43.02 2.59 20.30
CA ALA C 75 43.92 2.62 21.44
C ALA C 75 43.20 3.10 22.70
N LYS C 76 42.16 3.90 22.55
CA LYS C 76 41.31 4.33 23.65
C LYS C 76 39.97 3.61 23.68
N ASN C 77 39.71 2.73 22.70
CA ASN C 77 38.44 2.01 22.61
C ASN C 77 37.25 2.96 22.63
N THR C 78 37.40 4.08 21.91
CA THR C 78 36.42 5.16 21.93
C THR C 78 36.05 5.58 20.52
N VAL C 79 34.78 5.94 20.33
CA VAL C 79 34.28 6.49 19.08
C VAL C 79 33.83 7.92 19.32
N TYR C 80 34.10 8.80 18.35
CA TYR C 80 33.83 10.22 18.50
C TYR C 80 32.90 10.73 17.40
N LEU C 81 32.17 11.80 17.74
CA LEU C 81 31.38 12.54 16.77
C LEU C 81 31.70 14.02 16.98
N GLN C 82 32.52 14.58 16.09
CA GLN C 82 32.83 16.00 16.13
C GLN C 82 31.72 16.76 15.42
N MET C 83 30.98 17.58 16.17
CA MET C 83 29.85 18.35 15.64
C MET C 83 30.26 19.81 15.53
N ASN C 84 30.41 20.29 14.31
CA ASN C 84 30.83 21.66 14.05
C ASN C 84 29.66 22.47 13.50
N SER C 85 29.69 23.78 13.79
CA SER C 85 28.69 24.74 13.30
C SER C 85 27.27 24.20 13.54
N LEU C 86 26.95 24.03 14.82
CA LEU C 86 25.69 23.40 15.18
C LEU C 86 24.51 24.31 14.91
N LYS C 87 23.39 23.71 14.52
CA LYS C 87 22.15 24.40 14.20
C LYS C 87 21.07 23.98 15.19
N PRO C 88 20.06 24.83 15.39
CA PRO C 88 18.93 24.43 16.25
C PRO C 88 18.32 23.09 15.85
N GLU C 89 18.36 22.75 14.57
CA GLU C 89 17.84 21.47 14.11
C GLU C 89 18.65 20.29 14.62
N ASP C 90 19.88 20.51 15.06
CA ASP C 90 20.72 19.43 15.56
C ASP C 90 20.38 19.01 16.99
N THR C 91 19.36 19.62 17.60
CA THR C 91 18.96 19.27 18.96
C THR C 91 18.30 17.89 18.97
N ALA C 92 18.84 16.97 19.78
CA ALA C 92 18.35 15.60 19.79
C ALA C 92 19.04 14.83 20.90
N VAL C 93 18.56 13.61 21.12
CA VAL C 93 19.25 12.62 21.94
C VAL C 93 20.22 11.87 21.03
N TYR C 94 21.51 11.98 21.30
CA TYR C 94 22.55 11.36 20.47
C TYR C 94 23.08 10.12 21.17
N TYR C 95 22.96 8.98 20.49
CA TYR C 95 23.47 7.73 21.04
C TYR C 95 24.26 6.97 19.98
N CYS C 96 25.21 6.18 20.46
CA CYS C 96 26.10 5.36 19.65
C CYS C 96 25.62 3.91 19.60
N ALA C 97 25.84 3.27 18.46
CA ALA C 97 25.45 1.88 18.28
C ALA C 97 26.51 1.14 17.46
N ALA C 98 26.77 -0.10 17.84
CA ALA C 98 27.70 -0.96 17.12
C ALA C 98 26.96 -2.20 16.64
N VAL C 99 27.38 -2.70 15.48
CA VAL C 99 26.79 -3.91 14.90
C VAL C 99 27.91 -4.74 14.29
N TRP C 100 27.84 -6.05 14.50
CA TRP C 100 28.83 -6.98 13.94
C TRP C 100 28.45 -7.27 12.49
N ALA C 101 28.73 -6.29 11.63
CA ALA C 101 28.43 -6.42 10.21
C ALA C 101 29.44 -5.56 9.45
N ARG C 102 29.51 -5.80 8.15
CA ARG C 102 30.46 -5.06 7.32
C ARG C 102 30.01 -3.63 7.07
N VAL C 103 28.71 -3.34 7.16
CA VAL C 103 28.18 -1.99 6.99
C VAL C 103 27.16 -1.72 8.08
N CYS C 104 26.87 -0.43 8.29
CA CYS C 104 25.85 -0.04 9.25
C CYS C 104 24.48 -0.38 8.70
N ARG C 105 23.74 -1.23 9.43
CA ARG C 105 22.37 -1.57 9.07
C ARG C 105 21.71 -2.28 10.26
N ASN C 106 20.39 -2.18 10.32
CA ASN C 106 19.64 -2.83 11.38
C ASN C 106 19.69 -4.35 11.22
N PRO C 107 19.61 -5.12 12.33
CA PRO C 107 19.58 -4.62 13.70
C PRO C 107 20.97 -4.44 14.28
N TYR C 108 21.11 -3.58 15.30
CA TYR C 108 22.38 -3.36 15.95
C TYR C 108 22.51 -4.23 17.19
N ASP C 109 23.75 -4.63 17.49
CA ASP C 109 24.00 -5.52 18.61
C ASP C 109 23.95 -4.78 19.94
N TYR C 110 24.66 -3.66 20.04
CA TYR C 110 24.72 -2.89 21.27
C TYR C 110 24.48 -1.42 20.97
N TRP C 111 23.99 -0.70 21.97
CA TRP C 111 23.82 0.74 21.86
C TRP C 111 23.77 1.33 23.26
N GLY C 112 24.17 2.60 23.38
CA GLY C 112 24.24 3.27 24.67
C GLY C 112 22.93 3.96 25.02
N GLN C 113 22.96 4.61 26.19
CA GLN C 113 21.79 5.33 26.67
C GLN C 113 21.59 6.67 25.97
N GLY C 114 22.68 7.30 25.54
CA GLY C 114 22.60 8.55 24.81
C GLY C 114 22.98 9.75 25.66
N THR C 115 23.27 10.85 24.98
CA THR C 115 23.58 12.12 25.64
C THR C 115 22.83 13.23 24.93
N GLN C 116 22.36 14.21 25.71
CA GLN C 116 21.51 15.27 25.19
C GLN C 116 22.35 16.40 24.63
N VAL C 117 22.03 16.81 23.40
CA VAL C 117 22.66 17.95 22.74
C VAL C 117 21.58 18.98 22.49
N THR C 118 21.72 20.16 23.11
CA THR C 118 20.74 21.22 22.95
C THR C 118 21.40 22.44 22.33
N VAL C 119 20.83 22.93 21.24
CA VAL C 119 21.37 24.05 20.48
C VAL C 119 20.38 25.19 20.56
N SER C 120 20.81 26.30 21.16
CA SER C 120 20.01 27.51 21.27
C SER C 120 20.43 28.52 20.21
N SER C 121 19.44 29.30 19.76
CA SER C 121 19.67 30.35 18.76
C SER C 121 20.19 31.62 19.42
C10 RV2 D . 21.49 -7.42 -19.94
C14 RV2 D . 23.04 -4.18 -18.33
C02 RV2 D . 19.01 -6.87 -19.94
C04 RV2 D . 20.19 -7.77 -20.30
C05 RV2 D . 19.94 -8.95 -20.99
C06 RV2 D . 20.99 -9.80 -21.32
C08 RV2 D . 22.28 -9.46 -20.98
C09 RV2 D . 22.53 -8.27 -20.30
C12 RV2 D . 23.00 -5.51 -19.06
C17 RV2 D . 24.45 -2.22 -17.43
C18 RV2 D . 25.49 -1.97 -16.56
C19 RV2 D . 25.59 -0.73 -15.95
C20 RV2 D . 24.66 0.27 -16.22
C21 RV2 D . 23.62 0.02 -17.11
C22 RV2 D . 22.67 0.99 -17.39
C23 RV2 D . 21.66 0.90 -18.34
C24 RV2 D . 20.94 2.09 -18.30
C26 RV2 D . 22.53 2.24 -16.80
C27 RV2 D . 23.53 -1.22 -17.71
N11 RV2 D . 21.71 -6.17 -19.25
N16 RV2 D . 24.32 -3.51 -18.10
O01 RV2 D . 17.90 -7.02 -20.51
O03 RV2 D . 19.14 -5.97 -19.06
O13 RV2 D . 24.02 -5.98 -19.45
O15 RV2 D . 22.03 -3.70 -17.94
O25 RV2 D . 21.49 2.88 -17.35
CL1 RV2 D . 20.66 -11.32 -22.19
#